data_3WW4
#
_entry.id   3WW4
#
_cell.length_a   76.470
_cell.length_b   88.630
_cell.length_c   152.180
_cell.angle_alpha   90.00
_cell.angle_beta   90.00
_cell.angle_gamma   90.00
#
_symmetry.space_group_name_H-M   'C 2 2 21'
#
loop_
_entity.id
_entity.type
_entity.pdbx_description
1 polymer 'L-ribose isomerase'
2 non-polymer 'MANGANESE (II) ION'
3 non-polymer L-allose
4 non-polymer beta-L-allopyranose
5 water water
#
_entity_poly.entity_id   1
_entity_poly.type   'polypeptide(L)'
_entity_poly.pdbx_seq_one_letter_code
;HHHHHHGSTRTAISRREYDEWLSEAASLARALRYPVTPEMVNDSAGIVFGDDQYEAFAHGLWSREPYEVMVILESLNEPA
VDGLPAAGAAHAEYSGLCDKLMIVHPGKFCPPHFHQRKTESYEVVLGEMEVFYAPEPVTVGDDDVLSFSPMPEGSPWPEG
VALPAGREDSYAGLTSYVRLRAGDPKFVMHRKHLHAFRCPADSPVPLVVREVSTYSHEPTEHAHDKAAPLPQWRGLHDNT
FVAEAANSGRLATAIA
;
_entity_poly.pdbx_strand_id   A,B
#
# COMPACT_ATOMS: atom_id res chain seq x y z
N THR A 9 17.11 -22.79 -28.48
CA THR A 9 17.18 -21.93 -27.26
C THR A 9 17.52 -20.49 -27.61
N ARG A 10 16.66 -19.56 -27.17
CA ARG A 10 16.83 -18.14 -27.43
C ARG A 10 17.38 -17.39 -26.22
N THR A 11 18.03 -16.26 -26.48
CA THR A 11 18.63 -15.44 -25.43
C THR A 11 18.02 -14.06 -25.31
N ALA A 12 16.95 -13.82 -26.06
CA ALA A 12 16.28 -12.53 -26.01
C ALA A 12 14.80 -12.66 -26.34
N ILE A 13 14.09 -11.55 -26.21
CA ILE A 13 12.67 -11.50 -26.51
C ILE A 13 12.53 -10.46 -27.62
N SER A 14 11.74 -10.77 -28.65
CA SER A 14 11.56 -9.82 -29.75
C SER A 14 10.85 -8.58 -29.24
N ARG A 15 11.00 -7.48 -29.96
CA ARG A 15 10.36 -6.22 -29.61
C ARG A 15 8.85 -6.40 -29.58
N ARG A 16 8.33 -7.14 -30.55
CA ARG A 16 6.90 -7.38 -30.63
C ARG A 16 6.40 -8.17 -29.42
N GLU A 17 7.14 -9.20 -29.04
CA GLU A 17 6.75 -10.02 -27.90
C GLU A 17 6.77 -9.20 -26.61
N TYR A 18 7.78 -8.34 -26.46
CA TYR A 18 7.88 -7.53 -25.26
C TYR A 18 6.74 -6.51 -25.20
N ASP A 19 6.44 -5.86 -26.33
CA ASP A 19 5.39 -4.85 -26.38
C ASP A 19 3.99 -5.42 -26.14
N GLU A 20 3.70 -6.58 -26.71
CA GLU A 20 2.40 -7.20 -26.53
C GLU A 20 2.25 -7.67 -25.08
N TRP A 21 3.36 -8.18 -24.54
CA TRP A 21 3.43 -8.65 -23.18
C TRP A 21 3.09 -7.51 -22.23
N LEU A 22 3.80 -6.40 -22.37
CA LEU A 22 3.55 -5.28 -21.49
C LEU A 22 2.28 -4.50 -21.76
N SER A 23 1.88 -4.42 -23.02
CA SER A 23 0.67 -3.69 -23.33
C SER A 23 -0.55 -4.40 -22.77
N GLU A 24 -0.59 -5.72 -22.86
CA GLU A 24 -1.73 -6.45 -22.34
C GLU A 24 -1.69 -6.39 -20.82
N ALA A 25 -0.48 -6.43 -20.27
CA ALA A 25 -0.32 -6.37 -18.83
C ALA A 25 -0.86 -5.04 -18.30
N ALA A 26 -0.47 -3.95 -18.96
CA ALA A 26 -0.91 -2.61 -18.57
C ALA A 26 -2.41 -2.42 -18.80
N SER A 27 -2.95 -3.06 -19.83
CA SER A 27 -4.38 -2.93 -20.12
C SER A 27 -5.20 -3.62 -19.04
N LEU A 28 -4.74 -4.80 -18.65
CA LEU A 28 -5.40 -5.57 -17.62
C LEU A 28 -5.35 -4.77 -16.32
N ALA A 29 -4.20 -4.15 -16.06
CA ALA A 29 -4.04 -3.33 -14.87
C ALA A 29 -5.09 -2.21 -14.85
N ARG A 30 -5.15 -1.44 -15.94
CA ARG A 30 -6.13 -0.36 -16.03
C ARG A 30 -7.55 -0.88 -15.86
N ALA A 31 -7.82 -2.06 -16.40
CA ALA A 31 -9.14 -2.66 -16.27
C ALA A 31 -9.42 -2.94 -14.80
N LEU A 32 -8.37 -3.29 -14.08
CA LEU A 32 -8.53 -3.59 -12.67
C LEU A 32 -8.43 -2.34 -11.79
N ARG A 33 -8.47 -1.18 -12.44
CA ARG A 33 -8.43 0.10 -11.74
C ARG A 33 -7.07 0.52 -11.15
N TYR A 34 -5.98 -0.11 -11.55
CA TYR A 34 -4.68 0.30 -11.01
C TYR A 34 -4.23 1.55 -11.75
N PRO A 35 -3.61 2.52 -11.04
CA PRO A 35 -3.14 3.76 -11.67
C PRO A 35 -1.92 3.57 -12.55
N VAL A 36 -2.12 3.44 -13.86
CA VAL A 36 -1.00 3.25 -14.77
C VAL A 36 -0.76 4.46 -15.67
N THR A 37 0.48 4.91 -15.74
CA THR A 37 0.85 6.02 -16.59
C THR A 37 1.90 5.47 -17.55
N PRO A 38 2.12 6.15 -18.69
CA PRO A 38 3.09 5.73 -19.70
C PRO A 38 4.51 5.42 -19.22
N GLU A 39 5.03 6.23 -18.30
CA GLU A 39 6.39 5.99 -17.81
C GLU A 39 6.54 4.66 -17.11
N MET A 40 5.43 4.09 -16.64
CA MET A 40 5.45 2.82 -15.95
C MET A 40 5.60 1.66 -16.91
N VAL A 41 5.21 1.86 -18.17
CA VAL A 41 5.32 0.80 -19.16
C VAL A 41 6.67 1.02 -19.85
N ASN A 42 7.72 0.41 -19.32
CA ASN A 42 9.07 0.59 -19.85
C ASN A 42 9.87 -0.69 -20.04
N ASP A 43 11.11 -0.53 -20.52
CA ASP A 43 12.03 -1.63 -20.82
C ASP A 43 12.49 -2.51 -19.67
N SER A 44 12.11 -2.18 -18.44
CA SER A 44 12.53 -3.03 -17.34
C SER A 44 11.35 -3.57 -16.53
N ALA A 45 10.14 -3.31 -17.00
CA ALA A 45 8.92 -3.77 -16.32
C ALA A 45 8.67 -5.26 -16.59
N GLY A 46 9.20 -5.77 -17.70
CA GLY A 46 9.03 -7.17 -18.03
C GLY A 46 10.30 -7.88 -17.60
N ILE A 47 10.22 -8.65 -16.52
CA ILE A 47 11.39 -9.34 -15.99
C ILE A 47 11.54 -10.82 -16.36
N VAL A 48 12.72 -11.16 -16.83
CA VAL A 48 13.07 -12.52 -17.19
C VAL A 48 14.20 -12.84 -16.23
N PHE A 49 13.98 -13.78 -15.31
CA PHE A 49 14.98 -14.13 -14.30
C PHE A 49 16.08 -15.09 -14.71
N GLY A 50 17.00 -14.61 -15.55
CA GLY A 50 18.10 -15.45 -16.00
C GLY A 50 18.02 -15.65 -17.50
N ASP A 51 19.17 -15.81 -18.15
CA ASP A 51 19.19 -16.00 -19.59
C ASP A 51 18.47 -17.25 -20.06
N ASP A 52 18.45 -18.28 -19.23
CA ASP A 52 17.78 -19.53 -19.61
C ASP A 52 16.27 -19.40 -19.54
N GLN A 53 15.78 -18.33 -18.95
CA GLN A 53 14.33 -18.13 -18.84
C GLN A 53 13.71 -17.47 -20.06
N TYR A 54 14.55 -16.99 -20.97
CA TYR A 54 14.05 -16.35 -22.19
C TYR A 54 13.33 -17.38 -23.03
N GLU A 55 13.57 -18.66 -22.73
CA GLU A 55 12.94 -19.77 -23.44
C GLU A 55 11.42 -19.76 -23.24
N ALA A 56 10.96 -18.98 -22.26
CA ALA A 56 9.53 -18.88 -21.99
C ALA A 56 8.75 -18.36 -23.21
N PHE A 57 9.40 -17.57 -24.04
CA PHE A 57 8.74 -17.03 -25.21
C PHE A 57 8.87 -17.89 -26.45
N ALA A 58 9.53 -19.04 -26.31
CA ALA A 58 9.66 -19.95 -27.44
C ALA A 58 8.26 -20.43 -27.77
N HIS A 59 7.48 -20.67 -26.72
CA HIS A 59 6.10 -21.13 -26.85
C HIS A 59 5.10 -20.08 -26.37
N GLY A 60 5.58 -19.12 -25.61
CA GLY A 60 4.70 -18.04 -25.15
C GLY A 60 4.12 -18.11 -23.76
N LEU A 61 3.67 -16.95 -23.29
CA LEU A 61 3.08 -16.82 -21.95
C LEU A 61 1.78 -17.57 -21.73
N TRP A 62 1.30 -18.28 -22.74
CA TRP A 62 0.07 -19.07 -22.59
C TRP A 62 0.33 -20.55 -22.83
N SER A 63 1.61 -20.93 -22.87
CA SER A 63 1.99 -22.32 -23.08
C SER A 63 1.74 -23.11 -21.79
N ARG A 64 1.65 -22.38 -20.69
CA ARG A 64 1.43 -22.95 -19.36
C ARG A 64 2.65 -23.66 -18.78
N GLU A 65 3.79 -23.48 -19.46
CA GLU A 65 5.06 -24.06 -19.03
C GLU A 65 5.68 -23.29 -17.86
N PRO A 66 6.42 -23.98 -16.99
CA PRO A 66 7.05 -23.37 -15.81
C PRO A 66 8.34 -22.60 -16.11
N TYR A 67 8.26 -21.27 -16.00
CA TYR A 67 9.40 -20.38 -16.21
C TYR A 67 9.32 -19.23 -15.22
N GLU A 68 10.45 -18.56 -14.99
CA GLU A 68 10.49 -17.46 -14.04
C GLU A 68 10.58 -16.15 -14.81
N VAL A 69 9.38 -15.63 -15.10
CA VAL A 69 9.19 -14.43 -15.88
C VAL A 69 7.96 -13.72 -15.33
N MET A 70 7.96 -12.40 -15.33
CA MET A 70 6.79 -11.67 -14.84
C MET A 70 6.85 -10.19 -15.21
N VAL A 71 5.73 -9.50 -15.02
CA VAL A 71 5.69 -8.07 -15.28
C VAL A 71 5.34 -7.35 -13.98
N ILE A 72 6.04 -6.24 -13.74
CA ILE A 72 5.82 -5.47 -12.55
C ILE A 72 5.57 -4.04 -12.94
N LEU A 73 4.43 -3.50 -12.52
CA LEU A 73 4.04 -2.12 -12.80
C LEU A 73 4.04 -1.40 -11.46
N GLU A 74 5.06 -0.58 -11.25
CA GLU A 74 5.23 0.13 -10.00
C GLU A 74 4.65 1.55 -10.01
N SER A 75 3.65 1.79 -9.17
CA SER A 75 3.01 3.09 -9.12
C SER A 75 3.56 3.94 -8.00
N LEU A 76 4.34 3.33 -7.11
CA LEU A 76 4.88 4.06 -5.97
C LEU A 76 6.11 3.41 -5.36
N ASN A 77 7.07 4.25 -5.00
CA ASN A 77 8.30 3.82 -4.34
C ASN A 77 8.81 5.08 -3.67
N GLU A 78 8.15 5.42 -2.57
CA GLU A 78 8.41 6.59 -1.76
C GLU A 78 9.40 6.31 -0.62
N PRO A 79 10.52 7.03 -0.59
CA PRO A 79 11.52 6.83 0.48
C PRO A 79 10.97 7.13 1.87
N ALA A 80 9.97 8.02 1.93
CA ALA A 80 9.35 8.42 3.18
C ALA A 80 10.39 8.92 4.19
N VAL A 81 11.45 9.53 3.66
CA VAL A 81 12.51 10.07 4.49
C VAL A 81 12.17 11.49 4.95
N ASP A 82 11.36 12.19 4.16
CA ASP A 82 10.96 13.55 4.53
C ASP A 82 10.25 13.59 5.88
N GLY A 83 10.76 14.43 6.78
CA GLY A 83 10.16 14.56 8.09
C GLY A 83 10.70 13.62 9.15
N LEU A 84 11.52 12.66 8.73
CA LEU A 84 12.10 11.69 9.66
C LEU A 84 13.26 12.29 10.47
N PRO A 85 13.25 12.10 11.80
CA PRO A 85 14.34 12.64 12.64
C PRO A 85 15.67 12.16 12.08
N ALA A 86 16.64 13.05 11.97
CA ALA A 86 17.95 12.70 11.43
C ALA A 86 18.51 11.48 12.15
N ALA A 87 18.07 11.28 13.39
CA ALA A 87 18.51 10.16 14.19
C ALA A 87 18.15 8.82 13.56
N GLY A 88 17.08 8.77 12.78
CA GLY A 88 16.68 7.52 12.16
C GLY A 88 17.31 7.23 10.80
N ALA A 89 18.18 8.11 10.33
CA ALA A 89 18.81 7.91 9.02
C ALA A 89 19.38 6.52 8.78
N ALA A 90 19.99 5.93 9.79
CA ALA A 90 20.60 4.60 9.65
C ALA A 90 19.66 3.50 9.18
N HIS A 91 18.45 3.46 9.75
CA HIS A 91 17.50 2.42 9.37
C HIS A 91 16.33 2.85 8.50
N ALA A 92 16.43 4.03 7.90
CA ALA A 92 15.35 4.53 7.06
C ALA A 92 15.16 3.64 5.84
N GLU A 93 16.22 2.93 5.46
CA GLU A 93 16.17 2.05 4.29
C GLU A 93 15.24 0.85 4.52
N TYR A 94 14.85 0.64 5.78
CA TYR A 94 13.96 -0.47 6.12
C TYR A 94 12.50 -0.02 6.03
N SER A 95 12.30 1.27 5.86
CA SER A 95 10.96 1.82 5.79
C SER A 95 10.60 2.18 4.35
N GLY A 96 9.88 3.28 4.16
CA GLY A 96 9.49 3.67 2.83
C GLY A 96 8.16 3.02 2.47
N LEU A 97 7.61 3.40 1.31
CA LEU A 97 6.34 2.88 0.82
C LEU A 97 6.45 2.50 -0.65
N CYS A 98 6.07 1.28 -0.97
CA CYS A 98 6.12 0.82 -2.34
C CYS A 98 4.78 0.17 -2.70
N ASP A 99 4.28 0.48 -3.89
CA ASP A 99 3.02 -0.08 -4.38
C ASP A 99 3.20 -0.49 -5.84
N LYS A 100 3.03 -1.77 -6.12
CA LYS A 100 3.17 -2.25 -7.49
C LYS A 100 2.14 -3.32 -7.83
N LEU A 101 1.89 -3.48 -9.12
CA LEU A 101 0.96 -4.50 -9.56
C LEU A 101 1.80 -5.53 -10.29
N MET A 102 1.67 -6.79 -9.90
CA MET A 102 2.46 -7.85 -10.52
C MET A 102 1.57 -8.75 -11.36
N ILE A 103 1.99 -9.05 -12.57
CA ILE A 103 1.21 -9.92 -13.44
C ILE A 103 2.04 -11.13 -13.83
N VAL A 104 1.52 -12.30 -13.49
CA VAL A 104 2.18 -13.56 -13.74
C VAL A 104 1.25 -14.48 -14.53
N HIS A 105 1.72 -14.95 -15.66
CA HIS A 105 0.90 -15.81 -16.48
C HIS A 105 0.84 -17.25 -15.98
N PRO A 106 -0.20 -18.01 -16.41
CA PRO A 106 -0.37 -19.40 -15.98
C PRO A 106 0.89 -20.25 -15.94
N GLY A 107 1.19 -20.81 -14.78
CA GLY A 107 2.37 -21.65 -14.64
C GLY A 107 3.69 -20.93 -14.42
N LYS A 108 3.71 -19.62 -14.62
CA LYS A 108 4.94 -18.84 -14.45
C LYS A 108 5.22 -18.51 -12.99
N PHE A 109 6.49 -18.24 -12.67
CA PHE A 109 6.94 -17.94 -11.31
C PHE A 109 7.72 -16.64 -11.10
N CYS A 110 7.76 -16.23 -9.84
CA CYS A 110 8.56 -15.12 -9.35
C CYS A 110 9.44 -16.02 -8.49
N PRO A 111 10.69 -16.24 -8.93
CA PRO A 111 11.70 -17.09 -8.28
C PRO A 111 12.02 -16.87 -6.79
N PRO A 112 12.60 -17.89 -6.15
CA PRO A 112 12.97 -17.83 -4.72
C PRO A 112 14.00 -16.74 -4.44
N HIS A 113 13.72 -15.94 -3.43
CA HIS A 113 14.62 -14.87 -3.03
C HIS A 113 14.17 -14.36 -1.67
N PHE A 114 14.93 -13.42 -1.12
CA PHE A 114 14.58 -12.82 0.16
C PHE A 114 15.10 -11.38 0.12
N HIS A 115 14.58 -10.54 0.99
CA HIS A 115 15.02 -9.15 1.05
C HIS A 115 15.56 -8.88 2.45
N GLN A 116 16.68 -8.19 2.52
CA GLN A 116 17.26 -7.87 3.82
C GLN A 116 16.39 -6.80 4.47
N ARG A 117 15.98 -5.81 3.66
CA ARG A 117 15.20 -4.70 4.20
C ARG A 117 13.70 -4.68 3.93
N LYS A 118 13.31 -5.11 2.74
CA LYS A 118 11.90 -5.05 2.36
C LYS A 118 10.91 -6.05 2.96
N THR A 119 9.84 -5.50 3.54
CA THR A 119 8.76 -6.31 4.07
C THR A 119 7.63 -6.02 3.08
N GLU A 120 6.92 -7.06 2.66
CA GLU A 120 5.85 -6.89 1.69
C GLU A 120 4.52 -7.56 2.06
N SER A 121 3.46 -7.14 1.37
CA SER A 121 2.14 -7.68 1.61
C SER A 121 1.48 -7.99 0.27
N TYR A 122 0.58 -8.97 0.27
CA TYR A 122 -0.10 -9.37 -0.94
C TYR A 122 -1.61 -9.20 -0.91
N GLU A 123 -2.14 -8.73 -2.03
CA GLU A 123 -3.56 -8.55 -2.23
C GLU A 123 -3.82 -9.09 -3.64
N VAL A 124 -4.44 -10.27 -3.71
CA VAL A 124 -4.73 -10.86 -5.02
C VAL A 124 -5.92 -10.14 -5.65
N VAL A 125 -5.73 -9.64 -6.86
CA VAL A 125 -6.79 -8.92 -7.56
C VAL A 125 -7.52 -9.80 -8.57
N LEU A 126 -6.76 -10.61 -9.30
CA LEU A 126 -7.34 -11.50 -10.31
C LEU A 126 -6.57 -12.81 -10.27
N GLY A 127 -7.27 -13.93 -10.47
CA GLY A 127 -6.63 -15.22 -10.45
C GLY A 127 -6.35 -15.69 -9.03
N GLU A 128 -5.43 -16.62 -8.88
CA GLU A 128 -5.06 -17.12 -7.55
C GLU A 128 -3.55 -17.20 -7.44
N MET A 129 -3.04 -16.94 -6.25
CA MET A 129 -1.61 -16.91 -6.02
C MET A 129 -1.15 -18.05 -5.14
N GLU A 130 -0.17 -18.81 -5.61
CA GLU A 130 0.37 -19.89 -4.80
C GLU A 130 1.72 -19.40 -4.29
N VAL A 131 1.78 -19.21 -2.98
CA VAL A 131 2.98 -18.72 -2.33
C VAL A 131 3.77 -19.82 -1.65
N PHE A 132 5.06 -19.90 -1.98
CA PHE A 132 5.96 -20.88 -1.38
C PHE A 132 6.94 -20.06 -0.56
N TYR A 133 7.12 -20.40 0.71
CA TYR A 133 8.03 -19.63 1.54
C TYR A 133 8.62 -20.41 2.72
N ALA A 134 9.61 -19.78 3.34
CA ALA A 134 10.31 -20.34 4.50
C ALA A 134 9.85 -19.54 5.73
N PRO A 135 9.25 -20.23 6.71
CA PRO A 135 8.78 -19.56 7.94
C PRO A 135 9.91 -19.03 8.82
N GLU A 136 11.10 -19.61 8.68
CA GLU A 136 12.23 -19.17 9.49
C GLU A 136 13.04 -18.11 8.75
N PRO A 137 13.38 -17.02 9.43
CA PRO A 137 14.16 -15.95 8.80
C PRO A 137 15.66 -16.24 8.74
N VAL A 138 16.35 -15.56 7.85
CA VAL A 138 17.79 -15.69 7.74
C VAL A 138 18.32 -14.51 8.57
N THR A 139 19.63 -14.39 8.69
CA THR A 139 20.21 -13.27 9.42
C THR A 139 21.14 -12.52 8.49
N VAL A 140 20.77 -11.29 8.15
CA VAL A 140 21.58 -10.48 7.24
C VAL A 140 21.73 -9.09 7.80
N GLY A 141 22.96 -8.58 7.79
CA GLY A 141 23.22 -7.25 8.31
C GLY A 141 23.43 -7.25 9.81
N ASP A 142 22.35 -7.08 10.55
CA ASP A 142 22.43 -7.04 12.01
C ASP A 142 21.94 -8.37 12.55
N ASP A 143 22.57 -8.84 13.63
CA ASP A 143 22.17 -10.11 14.24
C ASP A 143 21.28 -9.90 15.47
N ASP A 144 21.06 -8.64 15.81
CA ASP A 144 20.19 -8.29 16.94
C ASP A 144 18.98 -7.62 16.32
N VAL A 145 17.93 -8.40 16.09
CA VAL A 145 16.72 -7.88 15.46
C VAL A 145 15.48 -7.99 16.32
N LEU A 146 14.46 -7.22 15.95
CA LEU A 146 13.19 -7.21 16.65
C LEU A 146 12.29 -8.34 16.19
N SER A 147 11.25 -8.61 16.97
CA SER A 147 10.31 -9.66 16.66
C SER A 147 8.96 -9.35 17.26
N PHE A 148 7.90 -9.60 16.50
CA PHE A 148 6.55 -9.33 16.97
C PHE A 148 5.58 -10.38 16.45
N SER A 149 5.47 -10.47 15.12
CA SER A 149 4.57 -11.44 14.51
C SER A 149 5.25 -12.39 13.54
N PRO A 150 5.86 -13.47 14.07
CA PRO A 150 6.54 -14.45 13.22
C PRO A 150 5.64 -14.98 12.09
N MET A 151 6.26 -15.36 10.98
CA MET A 151 5.51 -15.89 9.83
C MET A 151 4.69 -17.12 10.18
N PRO A 152 3.45 -17.20 9.65
CA PRO A 152 2.59 -18.35 9.93
C PRO A 152 3.16 -19.62 9.29
N GLU A 153 2.79 -20.76 9.86
CA GLU A 153 3.25 -22.07 9.41
C GLU A 153 2.75 -22.49 8.02
N GLY A 154 1.65 -21.90 7.56
CA GLY A 154 1.14 -22.26 6.25
C GLY A 154 0.85 -23.74 6.14
N SER A 155 0.83 -24.25 4.91
CA SER A 155 0.54 -25.66 4.68
C SER A 155 1.62 -26.34 3.86
N PRO A 156 1.56 -27.67 3.78
CA PRO A 156 2.55 -28.43 3.00
C PRO A 156 2.26 -28.09 1.55
N TRP A 157 3.19 -28.38 0.65
CA TRP A 157 2.98 -28.11 -0.77
C TRP A 157 1.84 -28.96 -1.31
N PRO A 158 1.05 -28.41 -2.24
CA PRO A 158 -0.04 -29.21 -2.79
C PRO A 158 0.60 -30.13 -3.82
N GLU A 159 -0.16 -31.06 -4.34
CA GLU A 159 0.36 -31.98 -5.34
C GLU A 159 0.33 -31.33 -6.72
N GLY A 160 1.21 -31.78 -7.61
CA GLY A 160 1.21 -31.28 -8.97
C GLY A 160 1.80 -29.93 -9.36
N VAL A 161 2.70 -29.38 -8.57
CA VAL A 161 3.31 -28.10 -8.90
C VAL A 161 4.49 -28.36 -9.83
N ALA A 162 4.48 -27.73 -11.00
CA ALA A 162 5.59 -27.92 -11.92
C ALA A 162 6.56 -26.78 -11.73
N LEU A 163 7.82 -27.11 -11.47
CA LEU A 163 8.85 -26.11 -11.26
C LEU A 163 9.69 -25.93 -12.53
N PRO A 164 10.35 -24.77 -12.66
CA PRO A 164 11.19 -24.47 -13.83
C PRO A 164 12.34 -25.45 -13.98
N ALA A 165 12.54 -25.91 -15.21
CA ALA A 165 13.60 -26.85 -15.51
C ALA A 165 14.95 -26.27 -15.12
N GLY A 166 15.74 -27.03 -14.38
CA GLY A 166 17.05 -26.56 -13.95
C GLY A 166 17.03 -25.74 -12.69
N ARG A 167 15.86 -25.34 -12.23
CA ARG A 167 15.73 -24.51 -11.02
C ARG A 167 15.04 -25.20 -9.85
N GLU A 168 14.67 -26.47 -10.01
CA GLU A 168 13.94 -27.19 -8.95
C GLU A 168 14.47 -27.10 -7.53
N ASP A 169 15.74 -27.39 -7.31
CA ASP A 169 16.22 -27.37 -5.95
C ASP A 169 16.32 -25.98 -5.31
N SER A 170 16.19 -24.92 -6.11
CA SER A 170 16.25 -23.58 -5.54
C SER A 170 15.00 -23.36 -4.70
N TYR A 171 14.01 -24.24 -4.87
CA TYR A 171 12.75 -24.16 -4.14
C TYR A 171 12.72 -25.04 -2.88
N ALA A 172 13.79 -25.82 -2.65
CA ALA A 172 13.84 -26.71 -1.49
C ALA A 172 13.65 -26.03 -0.15
N GLY A 173 14.15 -24.81 -0.01
CA GLY A 173 14.04 -24.10 1.26
C GLY A 173 12.70 -23.47 1.53
N LEU A 174 11.84 -23.44 0.53
CA LEU A 174 10.49 -22.87 0.66
C LEU A 174 9.49 -23.98 0.95
N THR A 175 9.50 -24.44 2.20
CA THR A 175 8.64 -25.54 2.62
C THR A 175 7.21 -25.23 2.98
N SER A 176 6.88 -23.96 3.22
CA SER A 176 5.51 -23.63 3.53
C SER A 176 4.78 -23.15 2.28
N TYR A 177 3.48 -23.38 2.27
CA TYR A 177 2.64 -23.02 1.14
C TYR A 177 1.32 -22.42 1.59
N VAL A 178 0.82 -21.49 0.81
CA VAL A 178 -0.47 -20.86 1.10
C VAL A 178 -1.01 -20.40 -0.25
N ARG A 179 -2.29 -20.65 -0.50
CA ARG A 179 -2.91 -20.25 -1.75
C ARG A 179 -3.80 -19.05 -1.45
N LEU A 180 -3.53 -17.93 -2.09
CA LEU A 180 -4.32 -16.73 -1.84
C LEU A 180 -5.25 -16.38 -2.98
N ARG A 181 -6.49 -16.08 -2.62
CA ARG A 181 -7.53 -15.72 -3.57
C ARG A 181 -7.97 -14.26 -3.36
N ALA A 182 -8.63 -13.71 -4.37
CA ALA A 182 -9.12 -12.35 -4.28
C ALA A 182 -10.11 -12.26 -3.14
N GLY A 183 -10.01 -11.21 -2.34
CA GLY A 183 -10.91 -11.03 -1.22
C GLY A 183 -10.35 -11.55 0.08
N ASP A 184 -9.24 -12.28 0.00
CA ASP A 184 -8.63 -12.82 1.21
C ASP A 184 -7.96 -11.71 1.99
N PRO A 185 -7.65 -11.97 3.27
CA PRO A 185 -7.00 -10.95 4.10
C PRO A 185 -5.61 -10.71 3.49
N LYS A 186 -5.06 -9.52 3.70
CA LYS A 186 -3.72 -9.22 3.19
C LYS A 186 -2.76 -10.25 3.78
N PHE A 187 -1.77 -10.67 2.98
CA PHE A 187 -0.78 -11.63 3.45
C PHE A 187 0.58 -10.94 3.54
N VAL A 188 1.17 -10.93 4.73
CA VAL A 188 2.44 -10.27 4.94
C VAL A 188 3.65 -11.22 4.85
N MET A 189 4.64 -10.81 4.07
CA MET A 189 5.87 -11.58 3.90
C MET A 189 6.98 -10.75 4.52
N HIS A 190 7.30 -11.06 5.77
CA HIS A 190 8.33 -10.32 6.47
C HIS A 190 9.69 -10.34 5.80
N ARG A 191 10.43 -9.26 5.95
CA ARG A 191 11.76 -9.15 5.40
C ARG A 191 12.61 -10.29 5.97
N LYS A 192 13.62 -10.71 5.21
CA LYS A 192 14.54 -11.77 5.60
C LYS A 192 13.93 -13.18 5.60
N HIS A 193 12.90 -13.36 4.79
CA HIS A 193 12.25 -14.67 4.66
C HIS A 193 12.30 -15.06 3.19
N LEU A 194 12.70 -16.29 2.91
CA LEU A 194 12.74 -16.78 1.54
C LEU A 194 11.31 -16.98 1.07
N HIS A 195 11.02 -16.58 -0.16
CA HIS A 195 9.68 -16.75 -0.70
C HIS A 195 9.67 -16.73 -2.21
N ALA A 196 8.55 -17.17 -2.77
CA ALA A 196 8.35 -17.21 -4.21
C ALA A 196 6.87 -17.49 -4.40
N PHE A 197 6.40 -17.36 -5.62
CA PHE A 197 5.00 -17.65 -5.87
C PHE A 197 4.75 -17.85 -7.35
N ARG A 198 3.59 -18.43 -7.67
CA ARG A 198 3.25 -18.65 -9.06
C ARG A 198 1.75 -18.53 -9.28
N CYS A 199 1.39 -18.50 -10.56
CA CYS A 199 0.00 -18.47 -10.98
C CYS A 199 -0.24 -19.94 -11.32
N PRO A 200 -1.31 -20.54 -10.76
CA PRO A 200 -1.58 -21.95 -11.06
C PRO A 200 -1.47 -22.18 -12.56
N ALA A 201 -0.90 -23.30 -12.96
CA ALA A 201 -0.73 -23.59 -14.39
C ALA A 201 -2.04 -23.79 -15.14
N ASP A 202 -3.11 -24.12 -14.42
CA ASP A 202 -4.40 -24.35 -15.06
C ASP A 202 -5.32 -23.15 -15.00
N SER A 203 -4.79 -22.01 -14.59
CA SER A 203 -5.57 -20.79 -14.49
C SER A 203 -6.02 -20.25 -15.86
N PRO A 204 -7.27 -19.78 -15.96
CA PRO A 204 -7.79 -19.23 -17.22
C PRO A 204 -7.34 -17.80 -17.44
N VAL A 205 -6.85 -17.16 -16.38
CA VAL A 205 -6.40 -15.78 -16.46
C VAL A 205 -5.05 -15.58 -15.79
N PRO A 206 -4.34 -14.50 -16.15
CA PRO A 206 -3.04 -14.25 -15.54
C PRO A 206 -3.29 -13.90 -14.08
N LEU A 207 -2.28 -14.11 -13.24
CA LEU A 207 -2.41 -13.76 -11.85
C LEU A 207 -2.11 -12.27 -11.75
N VAL A 208 -2.97 -11.54 -11.07
CA VAL A 208 -2.76 -10.11 -10.91
C VAL A 208 -2.80 -9.82 -9.42
N VAL A 209 -1.68 -9.38 -8.87
CA VAL A 209 -1.63 -9.13 -7.44
C VAL A 209 -0.97 -7.80 -7.12
N ARG A 210 -1.54 -7.11 -6.12
CA ARG A 210 -0.98 -5.84 -5.69
C ARG A 210 -0.02 -6.06 -4.53
N GLU A 211 1.19 -5.56 -4.68
CA GLU A 211 2.16 -5.68 -3.61
C GLU A 211 2.29 -4.32 -2.94
N VAL A 212 2.05 -4.28 -1.63
CA VAL A 212 2.20 -3.04 -0.87
C VAL A 212 3.35 -3.36 0.07
N SER A 213 4.42 -2.60 -0.02
CA SER A 213 5.59 -2.88 0.81
C SER A 213 6.42 -1.67 1.12
N THR A 214 7.50 -1.90 1.86
CA THR A 214 8.43 -0.84 2.23
C THR A 214 9.24 -0.55 0.97
N TYR A 215 10.11 0.45 1.04
CA TYR A 215 10.91 0.86 -0.12
C TYR A 215 11.61 -0.27 -0.86
N SER A 216 11.55 -0.20 -2.18
CA SER A 216 12.14 -1.20 -3.05
C SER A 216 13.49 -0.74 -3.63
N HIS A 217 14.59 -1.20 -3.06
CA HIS A 217 15.94 -0.85 -3.52
C HIS A 217 16.31 -1.73 -4.71
N GLU A 218 16.20 -1.18 -5.92
CA GLU A 218 16.52 -1.95 -7.12
C GLU A 218 17.29 -1.14 -8.15
N PRO A 219 18.62 -1.25 -8.16
CA PRO A 219 19.46 -0.51 -9.12
C PRO A 219 19.09 -0.86 -10.56
N ALA A 227 19.74 11.01 -7.87
CA ALA A 227 19.93 11.40 -6.48
C ALA A 227 19.26 10.40 -5.56
N ALA A 228 20.03 9.86 -4.60
CA ALA A 228 19.51 8.89 -3.65
C ALA A 228 18.91 9.61 -2.45
N PRO A 229 17.82 9.07 -1.89
CA PRO A 229 17.17 9.70 -0.73
C PRO A 229 18.19 9.99 0.36
N LEU A 230 19.16 9.10 0.47
CA LEU A 230 20.24 9.21 1.46
C LEU A 230 21.49 8.65 0.82
N PRO A 231 22.67 9.19 1.17
CA PRO A 231 23.92 8.68 0.58
C PRO A 231 24.11 7.17 0.73
N GLN A 232 23.84 6.63 1.93
CA GLN A 232 24.01 5.19 2.15
C GLN A 232 23.01 4.33 1.37
N TRP A 233 22.13 4.98 0.60
CA TRP A 233 21.14 4.24 -0.19
C TRP A 233 21.65 3.97 -1.61
N ARG A 234 22.67 4.71 -2.04
CA ARG A 234 23.22 4.55 -3.38
C ARG A 234 23.73 3.14 -3.68
N GLY A 235 23.30 2.60 -4.81
CA GLY A 235 23.74 1.27 -5.22
C GLY A 235 23.30 0.13 -4.31
N LEU A 236 22.37 0.41 -3.42
CA LEU A 236 21.87 -0.60 -2.49
C LEU A 236 21.12 -1.71 -3.24
N HIS A 237 21.51 -2.96 -2.98
CA HIS A 237 20.88 -4.13 -3.60
C HIS A 237 20.08 -4.81 -2.49
N ASP A 238 18.78 -4.97 -2.67
CA ASP A 238 17.98 -5.60 -1.63
C ASP A 238 17.31 -6.91 -2.04
N ASN A 239 17.63 -7.42 -3.23
CA ASN A 239 17.04 -8.68 -3.68
C ASN A 239 18.12 -9.74 -3.75
N THR A 240 17.99 -10.79 -2.94
CA THR A 240 18.97 -11.87 -2.97
C THR A 240 18.29 -13.15 -3.47
N PHE A 241 18.64 -13.57 -4.68
CA PHE A 241 18.04 -14.77 -5.23
C PHE A 241 18.77 -16.05 -4.86
N VAL A 242 18.00 -17.10 -4.60
CA VAL A 242 18.57 -18.39 -4.22
C VAL A 242 19.42 -18.90 -5.39
N ALA A 243 18.83 -18.90 -6.58
CA ALA A 243 19.53 -19.36 -7.76
C ALA A 243 20.47 -18.28 -8.30
N GLU A 244 21.73 -18.66 -8.46
CA GLU A 244 22.77 -17.78 -8.98
C GLU A 244 22.33 -17.16 -10.32
N ALA A 245 21.85 -18.03 -11.21
CA ALA A 245 21.40 -17.64 -12.55
C ALA A 245 20.26 -16.63 -12.61
N ALA A 246 19.62 -16.35 -11.48
CA ALA A 246 18.49 -15.41 -11.49
C ALA A 246 18.81 -14.03 -10.93
N ASN A 247 19.78 -13.95 -10.02
CA ASN A 247 20.13 -12.69 -9.39
C ASN A 247 20.67 -11.68 -10.40
N SER A 248 21.41 -12.18 -11.38
CA SER A 248 21.98 -11.33 -12.42
C SER A 248 20.93 -10.96 -13.48
N GLY A 249 20.36 -11.99 -14.10
CA GLY A 249 19.37 -11.79 -15.15
C GLY A 249 18.34 -10.70 -14.93
N ARG A 250 17.80 -10.62 -13.72
CA ARG A 250 16.81 -9.61 -13.41
C ARG A 250 17.27 -8.19 -13.76
N LEU A 251 18.57 -7.95 -13.62
CA LEU A 251 19.17 -6.63 -13.87
C LEU A 251 19.10 -6.05 -15.28
N ALA A 252 18.19 -6.56 -16.11
CA ALA A 252 18.02 -6.08 -17.48
C ALA A 252 17.25 -7.10 -18.33
N THR A 253 16.54 -6.62 -19.33
CA THR A 253 15.77 -7.52 -20.20
C THR A 253 16.25 -7.41 -21.65
N ALA A 254 16.83 -8.49 -22.15
CA ALA A 254 17.35 -8.54 -23.51
C ALA A 254 16.22 -8.45 -24.52
N ILE A 255 16.14 -7.32 -25.22
CA ILE A 255 15.09 -7.14 -26.21
C ILE A 255 15.68 -7.03 -27.62
N ALA A 256 15.25 -7.94 -28.49
CA ALA A 256 15.72 -7.97 -29.87
C ALA A 256 14.79 -7.21 -30.81
N THR B 9 -30.03 18.62 19.33
CA THR B 9 -28.77 18.29 18.62
C THR B 9 -28.43 16.80 18.81
N ARG B 10 -28.06 16.14 17.72
CA ARG B 10 -27.72 14.71 17.76
C ARG B 10 -26.47 14.47 18.61
N THR B 11 -26.54 13.44 19.46
CA THR B 11 -25.41 13.11 20.33
C THR B 11 -24.90 11.70 20.03
N ALA B 12 -25.57 11.01 19.10
CA ALA B 12 -25.17 9.67 18.73
C ALA B 12 -25.86 9.30 17.42
N ILE B 13 -25.51 8.13 16.89
CA ILE B 13 -26.09 7.65 15.65
C ILE B 13 -26.84 6.38 16.02
N SER B 14 -28.00 6.16 15.42
CA SER B 14 -28.77 4.96 15.73
C SER B 14 -28.09 3.75 15.14
N ARG B 15 -28.38 2.58 15.71
CA ARG B 15 -27.81 1.34 15.23
C ARG B 15 -28.18 1.15 13.76
N ARG B 16 -29.43 1.45 13.42
CA ARG B 16 -29.87 1.32 12.01
C ARG B 16 -29.08 2.22 11.07
N GLU B 17 -28.90 3.49 11.45
CA GLU B 17 -28.16 4.42 10.61
C GLU B 17 -26.72 3.96 10.46
N TYR B 18 -26.12 3.49 11.55
CA TYR B 18 -24.74 3.03 11.51
C TYR B 18 -24.58 1.77 10.65
N ASP B 19 -25.42 0.77 10.91
CA ASP B 19 -25.36 -0.47 10.15
C ASP B 19 -25.62 -0.26 8.65
N GLU B 20 -26.52 0.65 8.31
CA GLU B 20 -26.80 0.92 6.91
C GLU B 20 -25.60 1.65 6.30
N TRP B 21 -25.00 2.54 7.09
CA TRP B 21 -23.81 3.28 6.67
C TRP B 21 -22.69 2.34 6.26
N LEU B 22 -22.21 1.53 7.20
CA LEU B 22 -21.11 0.61 6.92
C LEU B 22 -21.44 -0.52 5.96
N SER B 23 -22.69 -0.99 5.96
CA SER B 23 -23.07 -2.07 5.06
C SER B 23 -22.95 -1.57 3.62
N GLU B 24 -23.53 -0.41 3.35
CA GLU B 24 -23.47 0.15 1.99
C GLU B 24 -22.02 0.51 1.65
N ALA B 25 -21.23 0.87 2.65
CA ALA B 25 -19.83 1.21 2.40
C ALA B 25 -19.02 -0.05 2.08
N ALA B 26 -19.25 -1.12 2.84
CA ALA B 26 -18.55 -2.36 2.60
C ALA B 26 -18.92 -2.93 1.22
N SER B 27 -20.19 -2.77 0.84
CA SER B 27 -20.67 -3.25 -0.45
C SER B 27 -20.05 -2.47 -1.60
N LEU B 28 -19.92 -1.16 -1.44
CA LEU B 28 -19.32 -0.36 -2.49
C LEU B 28 -17.85 -0.77 -2.59
N ALA B 29 -17.23 -1.01 -1.43
CA ALA B 29 -15.83 -1.40 -1.38
C ALA B 29 -15.64 -2.73 -2.11
N ARG B 30 -16.52 -3.69 -1.84
CA ARG B 30 -16.41 -4.98 -2.50
C ARG B 30 -16.67 -4.84 -4.00
N ALA B 31 -17.59 -3.98 -4.38
CA ALA B 31 -17.89 -3.79 -5.80
C ALA B 31 -16.63 -3.28 -6.51
N LEU B 32 -15.81 -2.51 -5.79
CA LEU B 32 -14.58 -1.96 -6.34
C LEU B 32 -13.39 -2.89 -6.13
N ARG B 33 -13.69 -4.12 -5.70
CA ARG B 33 -12.68 -5.15 -5.47
C ARG B 33 -11.75 -4.96 -4.29
N TYR B 34 -12.08 -4.10 -3.33
CA TYR B 34 -11.20 -3.96 -2.18
C TYR B 34 -11.47 -5.20 -1.32
N PRO B 35 -10.42 -5.79 -0.75
CA PRO B 35 -10.58 -6.99 0.08
C PRO B 35 -11.17 -6.77 1.48
N VAL B 36 -12.51 -6.69 1.55
CA VAL B 36 -13.19 -6.48 2.82
C VAL B 36 -13.48 -7.80 3.55
N THR B 37 -12.98 -7.92 4.78
CA THR B 37 -13.22 -9.13 5.57
C THR B 37 -14.28 -8.74 6.61
N PRO B 38 -14.99 -9.73 7.18
CA PRO B 38 -16.01 -9.40 8.17
C PRO B 38 -15.51 -8.58 9.35
N GLU B 39 -14.28 -8.85 9.77
CA GLU B 39 -13.71 -8.12 10.90
C GLU B 39 -13.37 -6.67 10.59
N MET B 40 -13.32 -6.33 9.30
CA MET B 40 -13.03 -4.95 8.90
C MET B 40 -14.29 -4.09 9.06
N VAL B 41 -15.44 -4.73 9.10
CA VAL B 41 -16.71 -4.02 9.26
C VAL B 41 -17.12 -4.10 10.72
N ASN B 42 -16.80 -3.05 11.47
CA ASN B 42 -17.11 -3.02 12.90
C ASN B 42 -17.62 -1.66 13.37
N ASP B 43 -17.93 -1.58 14.66
CA ASP B 43 -18.45 -0.36 15.26
C ASP B 43 -17.40 0.74 15.46
N SER B 44 -16.26 0.59 14.81
CA SER B 44 -15.20 1.59 14.90
C SER B 44 -14.87 2.12 13.51
N ALA B 45 -15.36 1.43 12.50
CA ALA B 45 -15.12 1.80 11.11
C ALA B 45 -15.78 3.12 10.73
N GLY B 46 -16.96 3.38 11.30
CA GLY B 46 -17.67 4.62 11.03
C GLY B 46 -17.21 5.69 11.99
N ILE B 47 -16.49 6.69 11.47
CA ILE B 47 -15.94 7.76 12.29
C ILE B 47 -16.67 9.10 12.28
N VAL B 48 -16.88 9.65 13.47
CA VAL B 48 -17.52 10.94 13.67
C VAL B 48 -16.51 11.75 14.48
N PHE B 49 -15.94 12.78 13.86
CA PHE B 49 -14.90 13.61 14.49
C PHE B 49 -15.37 14.71 15.43
N GLY B 50 -15.89 14.32 16.58
CA GLY B 50 -16.36 15.31 17.54
C GLY B 50 -17.84 15.11 17.79
N ASP B 51 -18.26 15.31 19.05
CA ASP B 51 -19.65 15.13 19.41
C ASP B 51 -20.61 16.01 18.61
N ASP B 52 -20.14 17.19 18.21
CA ASP B 52 -20.98 18.12 17.45
C ASP B 52 -21.15 17.68 16.00
N GLN B 53 -20.36 16.70 15.56
CA GLN B 53 -20.47 16.23 14.18
C GLN B 53 -21.56 15.19 14.01
N TYR B 54 -22.03 14.62 15.11
CA TYR B 54 -23.10 13.62 15.05
C TYR B 54 -24.33 14.23 14.36
N GLU B 55 -24.36 15.55 14.30
CA GLU B 55 -25.46 16.26 13.67
C GLU B 55 -25.47 15.95 12.16
N ALA B 56 -24.43 15.30 11.67
CA ALA B 56 -24.37 14.95 10.26
C ALA B 56 -25.46 13.92 9.95
N PHE B 57 -25.88 13.18 10.97
CA PHE B 57 -26.89 12.16 10.76
C PHE B 57 -28.31 12.67 10.98
N ALA B 58 -28.41 13.98 11.19
CA ALA B 58 -29.69 14.64 11.35
C ALA B 58 -30.39 14.56 10.00
N HIS B 59 -29.67 14.94 8.95
CA HIS B 59 -30.24 14.90 7.61
C HIS B 59 -29.68 13.74 6.78
N GLY B 60 -28.57 13.14 7.23
CA GLY B 60 -28.01 12.00 6.53
C GLY B 60 -26.79 12.22 5.65
N LEU B 61 -26.19 11.10 5.25
CA LEU B 61 -24.99 11.09 4.41
C LEU B 61 -25.21 11.59 3.00
N TRP B 62 -26.45 11.80 2.60
CA TRP B 62 -26.71 12.30 1.25
C TRP B 62 -27.34 13.69 1.28
N SER B 63 -27.20 14.38 2.40
CA SER B 63 -27.74 15.74 2.55
C SER B 63 -26.79 16.68 1.85
N ARG B 64 -25.56 16.22 1.63
CA ARG B 64 -24.54 17.00 0.96
C ARG B 64 -24.08 18.18 1.83
N GLU B 65 -24.37 18.09 3.13
CA GLU B 65 -23.99 19.12 4.08
C GLU B 65 -22.57 18.90 4.59
N PRO B 66 -21.85 20.00 4.91
CA PRO B 66 -20.48 19.87 5.41
C PRO B 66 -20.35 19.40 6.86
N TYR B 67 -19.76 18.23 7.02
CA TYR B 67 -19.51 17.62 8.33
C TYR B 67 -18.26 16.77 8.20
N GLU B 68 -17.59 16.52 9.32
CA GLU B 68 -16.39 15.71 9.31
C GLU B 68 -16.76 14.33 9.84
N VAL B 69 -17.07 13.44 8.91
CA VAL B 69 -17.47 12.08 9.24
C VAL B 69 -17.08 11.18 8.07
N MET B 70 -16.65 9.95 8.36
CA MET B 70 -16.24 9.04 7.30
C MET B 70 -16.14 7.60 7.74
N VAL B 71 -15.97 6.72 6.75
CA VAL B 71 -15.80 5.30 7.02
C VAL B 71 -14.40 4.90 6.57
N ILE B 72 -13.73 4.13 7.40
CA ILE B 72 -12.40 3.65 7.07
C ILE B 72 -12.41 2.14 7.16
N LEU B 73 -12.03 1.49 6.06
CA LEU B 73 -11.95 0.04 6.01
C LEU B 73 -10.48 -0.27 5.88
N GLU B 74 -9.91 -0.74 6.99
CA GLU B 74 -8.50 -1.05 7.08
C GLU B 74 -8.18 -2.53 6.86
N SER B 75 -7.57 -2.84 5.73
CA SER B 75 -7.22 -4.22 5.44
C SER B 75 -5.81 -4.55 5.90
N LEU B 76 -5.01 -3.52 6.21
CA LEU B 76 -3.63 -3.73 6.64
C LEU B 76 -3.04 -2.64 7.53
N ASN B 77 -2.46 -3.05 8.66
CA ASN B 77 -1.77 -2.12 9.56
C ASN B 77 -0.65 -2.95 10.18
N GLU B 78 0.37 -3.19 9.36
CA GLU B 78 1.52 -3.99 9.71
C GLU B 78 2.70 -3.19 10.27
N PRO B 79 3.09 -3.47 11.52
CA PRO B 79 4.22 -2.76 12.16
C PRO B 79 5.51 -2.89 11.38
N ALA B 80 5.74 -4.07 10.79
CA ALA B 80 6.95 -4.34 10.02
C ALA B 80 8.15 -4.18 10.94
N VAL B 81 7.98 -4.62 12.19
CA VAL B 81 9.02 -4.55 13.19
C VAL B 81 9.86 -5.84 13.15
N ASP B 82 9.28 -6.93 12.64
CA ASP B 82 10.02 -8.19 12.55
C ASP B 82 11.21 -8.10 11.59
N GLY B 83 12.38 -8.50 12.06
CA GLY B 83 13.58 -8.47 11.23
C GLY B 83 14.29 -7.13 11.27
N LEU B 84 13.65 -6.14 11.87
CA LEU B 84 14.23 -4.81 11.97
C LEU B 84 15.32 -4.81 13.04
N PRO B 85 16.50 -4.25 12.72
CA PRO B 85 17.57 -4.23 13.73
C PRO B 85 17.10 -3.50 14.98
N ALA B 86 17.50 -4.01 16.15
CA ALA B 86 17.11 -3.37 17.40
C ALA B 86 17.55 -1.91 17.42
N ALA B 87 18.67 -1.61 16.79
CA ALA B 87 19.17 -0.24 16.77
C ALA B 87 18.13 0.73 16.19
N GLY B 88 17.25 0.22 15.32
CA GLY B 88 16.24 1.07 14.74
C GLY B 88 14.93 1.15 15.51
N ALA B 89 14.88 0.52 16.67
CA ALA B 89 13.68 0.50 17.48
C ALA B 89 13.07 1.88 17.76
N ALA B 90 13.93 2.87 17.98
CA ALA B 90 13.47 4.22 18.29
C ALA B 90 12.73 4.92 17.15
N HIS B 91 12.97 4.50 15.92
CA HIS B 91 12.32 5.15 14.78
C HIS B 91 11.42 4.21 13.98
N ALA B 92 11.18 3.03 14.53
CA ALA B 92 10.33 2.04 13.89
C ALA B 92 8.91 2.58 13.74
N GLU B 93 8.50 3.40 14.69
CA GLU B 93 7.16 3.98 14.70
C GLU B 93 6.88 4.85 13.50
N TYR B 94 7.92 5.25 12.77
CA TYR B 94 7.77 6.08 11.58
C TYR B 94 7.65 5.18 10.35
N SER B 95 7.80 3.88 10.56
CA SER B 95 7.73 2.91 9.48
C SER B 95 6.44 2.10 9.53
N GLY B 96 6.49 0.87 9.02
CA GLY B 96 5.30 0.03 9.02
C GLY B 96 4.50 0.20 7.72
N LEU B 97 3.50 -0.64 7.54
CA LEU B 97 2.66 -0.60 6.34
C LEU B 97 1.18 -0.59 6.70
N CYS B 98 0.44 0.32 6.08
CA CYS B 98 -0.99 0.42 6.34
C CYS B 98 -1.73 0.58 5.02
N ASP B 99 -2.82 -0.16 4.86
CA ASP B 99 -3.64 -0.08 3.65
C ASP B 99 -5.10 0.05 4.08
N LYS B 100 -5.76 1.12 3.68
CA LYS B 100 -7.14 1.30 4.06
C LYS B 100 -7.96 2.00 2.98
N LEU B 101 -9.23 1.65 2.90
CA LEU B 101 -10.12 2.27 1.93
C LEU B 101 -10.96 3.26 2.71
N MET B 102 -11.01 4.51 2.24
CA MET B 102 -11.77 5.52 2.93
C MET B 102 -12.95 5.91 2.06
N ILE B 103 -14.12 6.02 2.70
CA ILE B 103 -15.32 6.39 1.98
C ILE B 103 -15.93 7.63 2.62
N VAL B 104 -15.97 8.70 1.84
CA VAL B 104 -16.48 9.97 2.29
C VAL B 104 -17.64 10.36 1.38
N HIS B 105 -18.78 10.72 1.98
CA HIS B 105 -19.94 11.10 1.19
C HIS B 105 -19.90 12.56 0.75
N PRO B 106 -20.70 12.93 -0.27
CA PRO B 106 -20.75 14.29 -0.81
C PRO B 106 -20.82 15.40 0.23
N GLY B 107 -19.89 16.34 0.11
CA GLY B 107 -19.83 17.46 1.03
C GLY B 107 -19.11 17.19 2.34
N LYS B 108 -18.84 15.92 2.64
CA LYS B 108 -18.19 15.51 3.89
C LYS B 108 -16.65 15.59 3.84
N PHE B 109 -16.04 15.71 5.03
CA PHE B 109 -14.59 15.85 5.14
C PHE B 109 -13.87 14.92 6.12
N CYS B 110 -12.57 14.83 5.91
CA CYS B 110 -11.66 14.14 6.82
C CYS B 110 -11.04 15.45 7.36
N PRO B 111 -11.36 15.81 8.61
CA PRO B 111 -10.85 17.03 9.26
C PRO B 111 -9.36 17.33 9.20
N PRO B 112 -8.98 18.61 9.33
CA PRO B 112 -7.57 19.05 9.31
C PRO B 112 -6.78 18.40 10.44
N HIS B 113 -5.60 17.88 10.12
CA HIS B 113 -4.76 17.23 11.10
C HIS B 113 -3.41 16.93 10.46
N PHE B 114 -2.46 16.48 11.27
CA PHE B 114 -1.16 16.09 10.76
C PHE B 114 -0.69 14.90 11.57
N HIS B 115 0.32 14.19 11.04
CA HIS B 115 0.86 13.04 11.74
C HIS B 115 2.33 13.32 11.96
N GLN B 116 2.78 13.14 13.18
CA GLN B 116 4.19 13.36 13.44
C GLN B 116 4.98 12.23 12.78
N ARG B 117 4.42 11.03 12.82
CA ARG B 117 5.09 9.86 12.30
C ARG B 117 4.63 9.31 10.94
N LYS B 118 3.33 9.36 10.66
CA LYS B 118 2.80 8.78 9.43
C LYS B 118 2.83 9.57 8.13
N THR B 119 3.39 8.93 7.11
CA THR B 119 3.43 9.51 5.78
C THR B 119 2.43 8.69 4.98
N GLU B 120 1.56 9.36 4.25
CA GLU B 120 0.52 8.68 3.47
C GLU B 120 0.50 9.03 1.99
N SER B 121 -0.18 8.20 1.21
CA SER B 121 -0.31 8.38 -0.23
C SER B 121 -1.76 8.09 -0.56
N TYR B 122 -2.28 8.71 -1.61
CA TYR B 122 -3.68 8.52 -1.99
C TYR B 122 -3.86 7.99 -3.41
N GLU B 123 -4.83 7.08 -3.55
CA GLU B 123 -5.17 6.49 -4.85
C GLU B 123 -6.68 6.57 -4.93
N VAL B 124 -7.19 7.44 -5.78
CA VAL B 124 -8.63 7.57 -5.92
C VAL B 124 -9.21 6.43 -6.72
N VAL B 125 -10.21 5.76 -6.15
CA VAL B 125 -10.85 4.63 -6.81
C VAL B 125 -12.14 5.02 -7.51
N LEU B 126 -12.94 5.85 -6.83
CA LEU B 126 -14.22 6.30 -7.38
C LEU B 126 -14.49 7.73 -6.90
N GLY B 127 -15.06 8.54 -7.78
CA GLY B 127 -15.34 9.92 -7.43
C GLY B 127 -14.07 10.75 -7.56
N GLU B 128 -14.07 11.93 -6.96
CA GLU B 128 -12.90 12.80 -7.02
C GLU B 128 -12.64 13.31 -5.61
N MET B 129 -11.37 13.51 -5.30
CA MET B 129 -10.96 13.95 -3.98
C MET B 129 -10.29 15.32 -3.99
N GLU B 130 -10.82 16.22 -3.17
CA GLU B 130 -10.26 17.56 -3.08
C GLU B 130 -9.42 17.62 -1.82
N VAL B 131 -8.12 17.80 -2.00
CA VAL B 131 -7.19 17.85 -0.88
C VAL B 131 -6.79 19.28 -0.53
N PHE B 132 -6.81 19.58 0.76
CA PHE B 132 -6.45 20.90 1.27
C PHE B 132 -5.28 20.64 2.22
N TYR B 133 -4.15 21.31 2.00
CA TYR B 133 -3.01 21.07 2.86
C TYR B 133 -2.02 22.21 2.94
N ALA B 134 -1.12 22.12 3.92
CA ALA B 134 -0.06 23.10 4.12
C ALA B 134 1.21 22.52 3.47
N PRO B 135 1.75 23.20 2.45
CA PRO B 135 2.95 22.76 1.74
C PRO B 135 4.21 22.77 2.62
N GLU B 136 4.17 23.56 3.69
CA GLU B 136 5.29 23.64 4.60
C GLU B 136 5.00 22.69 5.75
N PRO B 137 5.98 21.89 6.17
CA PRO B 137 5.73 20.98 7.27
C PRO B 137 5.62 21.73 8.58
N VAL B 138 5.08 21.08 9.61
CA VAL B 138 4.98 21.70 10.90
C VAL B 138 6.21 21.24 11.68
N THR B 139 6.83 22.16 12.40
CA THR B 139 8.00 21.80 13.18
C THR B 139 7.53 21.25 14.51
N VAL B 140 7.73 19.96 14.72
CA VAL B 140 7.32 19.34 15.97
C VAL B 140 8.28 19.81 17.05
N GLY B 141 9.23 18.97 17.43
CA GLY B 141 10.20 19.39 18.44
C GLY B 141 11.08 20.45 17.83
N ASP B 142 12.03 20.00 17.00
CA ASP B 142 12.97 20.88 16.33
C ASP B 142 14.05 19.99 15.72
N ASP B 143 14.50 19.04 16.53
CA ASP B 143 15.53 18.07 16.18
C ASP B 143 15.70 17.94 14.67
N ASP B 144 16.94 17.80 14.22
CA ASP B 144 17.24 17.66 12.80
C ASP B 144 16.26 16.73 12.12
N VAL B 145 15.68 17.20 11.03
CA VAL B 145 14.72 16.43 10.25
C VAL B 145 15.31 16.22 8.86
N LEU B 146 15.06 15.06 8.28
CA LEU B 146 15.58 14.78 6.95
C LEU B 146 14.72 15.40 5.86
N SER B 147 15.30 15.58 4.68
CA SER B 147 14.61 16.17 3.54
C SER B 147 15.03 15.47 2.25
N PHE B 148 14.11 15.42 1.29
CA PHE B 148 14.40 14.80 0.01
C PHE B 148 13.52 15.37 -1.08
N SER B 149 12.22 15.13 -0.96
CA SER B 149 11.27 15.62 -1.95
C SER B 149 10.12 16.31 -1.22
N PRO B 150 10.27 17.60 -0.95
CA PRO B 150 9.25 18.39 -0.26
C PRO B 150 7.91 18.41 -0.99
N MET B 151 6.85 18.77 -0.27
CA MET B 151 5.51 18.83 -0.83
C MET B 151 5.39 19.88 -1.93
N PRO B 152 4.68 19.54 -3.02
CA PRO B 152 4.52 20.51 -4.10
C PRO B 152 3.61 21.64 -3.62
N GLU B 153 3.79 22.83 -4.17
CA GLU B 153 3.00 24.00 -3.78
C GLU B 153 1.50 23.81 -3.98
N GLY B 154 1.12 23.18 -5.10
CA GLY B 154 -0.29 22.96 -5.36
C GLY B 154 -0.93 24.23 -5.88
N SER B 155 -2.25 24.32 -5.80
CA SER B 155 -2.96 25.49 -6.29
C SER B 155 -3.81 26.14 -5.21
N PRO B 156 -4.38 27.31 -5.51
CA PRO B 156 -5.21 27.95 -4.50
C PRO B 156 -6.55 27.22 -4.53
N TRP B 157 -7.29 27.30 -3.43
CA TRP B 157 -8.58 26.64 -3.35
C TRP B 157 -9.53 27.18 -4.41
N PRO B 158 -10.39 26.31 -4.97
CA PRO B 158 -11.33 26.79 -5.98
C PRO B 158 -12.43 27.44 -5.13
N GLU B 159 -13.29 28.25 -5.72
CA GLU B 159 -14.33 28.88 -4.91
C GLU B 159 -15.52 27.95 -4.69
N GLY B 160 -16.28 28.21 -3.62
CA GLY B 160 -17.44 27.39 -3.35
C GLY B 160 -17.34 26.29 -2.31
N VAL B 161 -16.14 26.01 -1.81
CA VAL B 161 -15.99 24.95 -0.81
C VAL B 161 -16.63 25.34 0.52
N ALA B 162 -17.61 24.56 0.95
CA ALA B 162 -18.29 24.82 2.21
C ALA B 162 -17.72 23.95 3.33
N LEU B 163 -17.19 24.59 4.37
CA LEU B 163 -16.58 23.90 5.49
C LEU B 163 -17.60 23.62 6.60
N PRO B 164 -17.31 22.65 7.47
CA PRO B 164 -18.27 22.37 8.55
C PRO B 164 -18.42 23.60 9.45
N ALA B 165 -19.63 23.82 9.95
CA ALA B 165 -19.91 24.96 10.81
C ALA B 165 -19.20 24.84 12.15
N GLY B 166 -18.46 25.89 12.51
CA GLY B 166 -17.74 25.90 13.77
C GLY B 166 -16.35 25.31 13.64
N ARG B 167 -16.01 24.82 12.46
CA ARG B 167 -14.69 24.23 12.26
C ARG B 167 -13.94 24.93 11.13
N GLU B 168 -14.59 25.89 10.48
CA GLU B 168 -13.95 26.53 9.34
C GLU B 168 -12.56 27.14 9.54
N ASP B 169 -12.30 27.78 10.67
CA ASP B 169 -10.97 28.36 10.85
C ASP B 169 -9.88 27.32 11.08
N SER B 170 -10.27 26.07 11.38
CA SER B 170 -9.27 25.04 11.59
C SER B 170 -8.67 24.65 10.24
N TYR B 171 -9.27 25.14 9.16
CA TYR B 171 -8.80 24.88 7.79
C TYR B 171 -7.89 26.00 7.30
N ALA B 172 -7.83 27.09 8.06
CA ALA B 172 -7.03 28.25 7.71
C ALA B 172 -5.60 27.99 7.23
N GLY B 173 -4.87 27.12 7.94
CA GLY B 173 -3.51 26.84 7.55
C GLY B 173 -3.30 25.98 6.31
N LEU B 174 -4.35 25.28 5.88
CA LEU B 174 -4.26 24.40 4.73
C LEU B 174 -4.54 25.15 3.43
N THR B 175 -3.61 26.03 3.07
CA THR B 175 -3.73 26.88 1.88
C THR B 175 -3.54 26.24 0.52
N SER B 176 -2.95 25.06 0.45
CA SER B 176 -2.74 24.41 -0.84
C SER B 176 -3.88 23.45 -1.21
N TYR B 177 -4.14 23.33 -2.51
CA TYR B 177 -5.21 22.49 -3.00
C TYR B 177 -4.86 21.65 -4.22
N VAL B 178 -5.45 20.47 -4.29
CA VAL B 178 -5.25 19.59 -5.43
C VAL B 178 -6.48 18.69 -5.57
N ARG B 179 -6.88 18.44 -6.80
CA ARG B 179 -8.04 17.60 -7.05
C ARG B 179 -7.59 16.31 -7.72
N LEU B 180 -7.76 15.20 -7.02
CA LEU B 180 -7.35 13.90 -7.52
C LEU B 180 -8.54 13.13 -8.08
N ARG B 181 -8.36 12.54 -9.25
CA ARG B 181 -9.40 11.76 -9.90
C ARG B 181 -8.90 10.32 -10.02
N ALA B 182 -9.82 9.40 -10.19
CA ALA B 182 -9.45 8.00 -10.33
C ALA B 182 -8.52 7.89 -11.53
N GLY B 183 -7.49 7.07 -11.42
CA GLY B 183 -6.58 6.91 -12.54
C GLY B 183 -5.36 7.80 -12.44
N ASP B 184 -5.41 8.82 -11.58
CA ASP B 184 -4.27 9.72 -11.43
C ASP B 184 -3.14 9.01 -10.68
N PRO B 185 -1.90 9.50 -10.84
CA PRO B 185 -0.81 8.84 -10.13
C PRO B 185 -0.97 9.06 -8.63
N LYS B 186 -0.25 8.26 -7.86
CA LYS B 186 -0.28 8.34 -6.41
C LYS B 186 0.09 9.74 -5.93
N PHE B 187 -0.59 10.22 -4.90
CA PHE B 187 -0.28 11.53 -4.34
C PHE B 187 0.20 11.32 -2.90
N VAL B 188 1.42 11.78 -2.61
CA VAL B 188 2.00 11.60 -1.29
C VAL B 188 1.84 12.77 -0.32
N MET B 189 1.48 12.44 0.91
CA MET B 189 1.30 13.42 1.97
C MET B 189 2.33 13.08 3.06
N HIS B 190 3.47 13.75 3.02
CA HIS B 190 4.52 13.52 3.99
C HIS B 190 4.06 13.85 5.41
N ARG B 191 4.62 13.12 6.36
CA ARG B 191 4.33 13.32 7.77
C ARG B 191 4.65 14.77 8.15
N LYS B 192 4.03 15.23 9.23
CA LYS B 192 4.20 16.59 9.75
C LYS B 192 3.54 17.69 8.92
N HIS B 193 2.73 17.29 7.95
CA HIS B 193 2.03 18.23 7.10
C HIS B 193 0.56 18.24 7.45
N LEU B 194 0.00 19.42 7.69
CA LEU B 194 -1.43 19.52 8.00
C LEU B 194 -2.15 19.20 6.69
N HIS B 195 -3.28 18.51 6.78
CA HIS B 195 -4.05 18.19 5.60
C HIS B 195 -5.46 17.75 5.97
N ALA B 196 -6.33 17.85 4.99
CA ALA B 196 -7.74 17.46 5.13
C ALA B 196 -8.21 17.26 3.70
N PHE B 197 -9.33 16.57 3.53
CA PHE B 197 -9.88 16.39 2.19
C PHE B 197 -11.38 16.17 2.25
N ARG B 198 -12.04 16.33 1.11
CA ARG B 198 -13.47 16.14 1.07
C ARG B 198 -13.90 15.58 -0.26
N CYS B 199 -15.17 15.20 -0.30
CA CYS B 199 -15.81 14.70 -1.49
C CYS B 199 -16.60 15.91 -1.98
N PRO B 200 -16.46 16.29 -3.27
CA PRO B 200 -17.20 17.46 -3.76
C PRO B 200 -18.67 17.32 -3.41
N ALA B 201 -19.27 18.43 -2.96
CA ALA B 201 -20.67 18.43 -2.58
C ALA B 201 -21.62 18.06 -3.71
N ASP B 202 -21.19 18.24 -4.95
CA ASP B 202 -22.05 17.94 -6.10
C ASP B 202 -21.76 16.57 -6.70
N SER B 203 -20.97 15.77 -5.99
CA SER B 203 -20.59 14.43 -6.45
C SER B 203 -21.76 13.44 -6.51
N PRO B 204 -21.88 12.70 -7.62
CA PRO B 204 -22.95 11.70 -7.79
C PRO B 204 -22.66 10.43 -7.00
N VAL B 205 -21.40 10.27 -6.58
CA VAL B 205 -20.98 9.09 -5.83
C VAL B 205 -20.11 9.47 -4.64
N PRO B 206 -20.00 8.56 -3.66
CA PRO B 206 -19.16 8.84 -2.51
C PRO B 206 -17.73 8.79 -3.01
N LEU B 207 -16.82 9.47 -2.34
CA LEU B 207 -15.43 9.44 -2.72
C LEU B 207 -14.87 8.14 -2.11
N VAL B 208 -14.19 7.34 -2.92
CA VAL B 208 -13.60 6.12 -2.42
C VAL B 208 -12.12 6.22 -2.72
N VAL B 209 -11.31 6.27 -1.67
CA VAL B 209 -9.88 6.42 -1.83
C VAL B 209 -9.06 5.39 -1.04
N ARG B 210 -8.07 4.83 -1.69
CA ARG B 210 -7.20 3.85 -1.07
C ARG B 210 -5.98 4.58 -0.49
N GLU B 211 -5.79 4.46 0.81
CA GLU B 211 -4.65 5.10 1.45
C GLU B 211 -3.60 4.05 1.79
N VAL B 212 -2.40 4.25 1.28
CA VAL B 212 -1.29 3.36 1.56
C VAL B 212 -0.28 4.23 2.30
N SER B 213 -0.04 3.91 3.56
CA SER B 213 0.86 4.72 4.36
C SER B 213 1.70 3.86 5.29
N THR B 214 2.40 4.53 6.21
CA THR B 214 3.20 3.83 7.19
C THR B 214 2.21 3.53 8.32
N TYR B 215 2.63 2.76 9.31
CA TYR B 215 1.75 2.37 10.41
C TYR B 215 0.83 3.47 10.96
N SER B 216 -0.43 3.11 11.21
CA SER B 216 -1.42 4.04 11.77
C SER B 216 -1.55 3.82 13.28
N HIS B 217 -0.98 4.73 14.07
CA HIS B 217 -1.03 4.63 15.53
C HIS B 217 -2.34 5.21 16.03
N GLU B 218 -3.30 4.35 16.33
CA GLU B 218 -4.59 4.81 16.81
C GLU B 218 -5.16 3.79 17.80
N PRO B 219 -4.90 3.97 19.09
CA PRO B 219 -5.41 3.04 20.11
C PRO B 219 -6.94 3.05 20.20
N ALA B 228 0.77 -4.21 21.41
CA ALA B 228 1.97 -3.39 21.33
C ALA B 228 3.11 -4.18 20.70
N PRO B 229 3.36 -3.96 19.40
CA PRO B 229 4.43 -4.68 18.71
C PRO B 229 5.78 -4.22 19.25
N LEU B 230 5.74 -3.11 19.98
CA LEU B 230 6.94 -2.55 20.59
C LEU B 230 6.47 -1.82 21.84
N PRO B 231 7.23 -1.94 22.94
CA PRO B 231 6.88 -1.28 24.20
C PRO B 231 6.62 0.22 24.05
N GLN B 232 7.44 0.89 23.25
CA GLN B 232 7.29 2.32 23.05
C GLN B 232 5.94 2.66 22.38
N TRP B 233 5.48 1.78 21.51
CA TRP B 233 4.23 1.97 20.77
C TRP B 233 2.97 1.89 21.61
N ARG B 234 3.12 1.51 22.87
CA ARG B 234 1.94 1.39 23.73
C ARG B 234 1.30 2.76 24.01
N GLY B 235 0.00 2.85 23.74
CA GLY B 235 -0.74 4.08 23.97
C GLY B 235 -0.39 5.26 23.07
N LEU B 236 0.30 4.99 21.97
CA LEU B 236 0.71 6.05 21.05
C LEU B 236 -0.44 6.50 20.12
N HIS B 237 -0.66 7.82 20.07
CA HIS B 237 -1.71 8.40 19.22
C HIS B 237 -1.04 9.38 18.26
N ASP B 238 -0.93 8.96 17.00
CA ASP B 238 -0.26 9.77 15.98
C ASP B 238 -1.18 10.67 15.14
N ASN B 239 -2.35 10.99 15.66
CA ASN B 239 -3.27 11.87 14.94
C ASN B 239 -3.53 13.12 15.78
N THR B 240 -3.07 14.27 15.33
CA THR B 240 -3.31 15.50 16.10
C THR B 240 -4.15 16.43 15.25
N PHE B 241 -5.39 16.67 15.69
CA PHE B 241 -6.31 17.53 14.96
C PHE B 241 -6.22 19.01 15.33
N VAL B 242 -6.37 19.86 14.32
CA VAL B 242 -6.31 21.30 14.53
C VAL B 242 -7.42 21.72 15.48
N ALA B 243 -8.63 21.25 15.23
CA ALA B 243 -9.78 21.56 16.07
C ALA B 243 -9.79 20.67 17.31
N GLU B 244 -9.93 21.26 18.49
CA GLU B 244 -9.93 20.47 19.71
C GLU B 244 -11.13 19.55 19.83
N ALA B 245 -12.22 19.91 19.17
CA ALA B 245 -13.43 19.09 19.22
C ALA B 245 -13.22 17.75 18.50
N ALA B 246 -12.41 17.76 17.45
CA ALA B 246 -12.16 16.54 16.68
C ALA B 246 -11.37 15.50 17.47
N ASN B 247 -10.52 15.96 18.37
CA ASN B 247 -9.70 15.07 19.19
C ASN B 247 -10.56 14.11 20.02
N SER B 248 -11.27 14.68 20.99
CA SER B 248 -12.13 13.91 21.88
C SER B 248 -12.91 12.80 21.18
N GLY B 249 -13.69 13.18 20.18
CA GLY B 249 -14.47 12.19 19.44
C GLY B 249 -13.62 11.15 18.76
N ARG B 250 -14.21 10.48 17.78
CA ARG B 250 -13.53 9.43 17.02
C ARG B 250 -12.64 8.51 17.85
N LEU B 251 -12.91 8.45 19.16
CA LEU B 251 -12.16 7.60 20.08
C LEU B 251 -13.04 6.38 20.30
N ALA B 252 -14.29 6.52 19.90
CA ALA B 252 -15.31 5.48 20.00
C ALA B 252 -16.60 6.11 19.47
N THR B 253 -17.15 5.53 18.41
CA THR B 253 -18.37 6.06 17.82
C THR B 253 -19.57 5.76 18.70
N ALA B 254 -20.29 6.80 19.07
CA ALA B 254 -21.48 6.68 19.91
C ALA B 254 -22.65 6.17 19.09
N ILE B 255 -22.99 4.90 19.31
CA ILE B 255 -24.09 4.28 18.59
C ILE B 255 -25.18 3.89 19.57
N ALA B 256 -26.36 4.48 19.39
CA ALA B 256 -27.49 4.19 20.25
C ALA B 256 -28.26 2.97 19.74
#